data_4XRM
#
_entry.id   4XRM
#
_cell.length_a   70.620
_cell.length_b   79.280
_cell.length_c   98.970
_cell.angle_alpha   90.000
_cell.angle_beta   90.000
_cell.angle_gamma   90.000
#
_symmetry.space_group_name_H-M   'I 2 2 2'
#
loop_
_entity.id
_entity.type
_entity.pdbx_description
1 polymer "DNA (5'-D(P*AP*GP*CP*TP*GP*AP*CP*AP*GP*CP*TP*GP*TP*CP*AP*AP*G)-3')"
2 polymer "DNA (5'-D(P*TP*CP*TP*TP*GP*AP*CP*AP*GP*CP*TP*GP*TP*CP*AP*GP*C)-3')"
3 polymer 'Homeobox protein Meis2'
4 non-polymer 2-AMINO-2-HYDROXYMETHYL-PROPANE-1,3-DIOL
5 water water
#
loop_
_entity_poly.entity_id
_entity_poly.type
_entity_poly.pdbx_seq_one_letter_code
_entity_poly.pdbx_strand_id
1 'polydeoxyribonucleotide' (DA)(DG)(DC)(DT)(DG)(DA)(DC)(DA)(DG)(DC)(DT)(DG)(DT)(DC)(DA)(DA)(DG) M
2 'polydeoxyribonucleotide' (DT)(DC)(DT)(DT)(DG)(DA)(DC)(DA)(DG)(DC)(DT)(DG)(DT)(DC)(DA)(DG)(DC) L
3 'polypeptide(L)' SMGIFPKVATNIMRAWLFQHLTHPYPSEEQKKQLAQDTGLTILQVNNWFINARRRIVQPMIDQS A,B
#
# COMPACT_ATOMS: atom_id res chain seq x y z
N ILE C 4 -17.12 -11.04 -5.79
CA ILE C 4 -16.01 -10.12 -6.03
C ILE C 4 -14.68 -10.89 -6.07
N PHE C 5 -14.59 -11.94 -5.26
CA PHE C 5 -13.47 -12.86 -5.31
C PHE C 5 -13.97 -14.20 -5.86
N PRO C 6 -13.80 -14.45 -7.17
CA PRO C 6 -14.31 -15.69 -7.75
C PRO C 6 -13.77 -16.93 -7.06
N LYS C 7 -14.64 -17.89 -6.74
CA LYS C 7 -14.18 -19.10 -6.05
C LYS C 7 -13.22 -19.90 -6.91
N VAL C 8 -13.31 -19.73 -8.23
CA VAL C 8 -12.41 -20.41 -9.14
C VAL C 8 -10.98 -19.92 -9.03
N ALA C 9 -10.81 -18.70 -8.55
CA ALA C 9 -9.50 -18.10 -8.45
C ALA C 9 -8.57 -18.87 -7.51
N THR C 10 -9.12 -19.41 -6.43
CA THR C 10 -8.29 -19.96 -5.37
C THR C 10 -7.34 -21.05 -5.86
N ASN C 11 -7.86 -22.00 -6.64
CA ASN C 11 -7.04 -23.13 -7.05
C ASN C 11 -6.04 -22.76 -8.13
N ILE C 12 -6.38 -21.77 -8.95
CA ILE C 12 -5.43 -21.26 -9.94
C ILE C 12 -4.24 -20.61 -9.22
N MET C 13 -4.54 -19.84 -8.18
CA MET C 13 -3.52 -19.13 -7.43
C MET C 13 -2.68 -20.11 -6.61
N ARG C 14 -3.33 -21.09 -5.98
CA ARG C 14 -2.60 -22.11 -5.24
C ARG C 14 -1.67 -22.91 -6.14
N ALA C 15 -2.14 -23.24 -7.35
CA ALA C 15 -1.31 -23.97 -8.30
C ALA C 15 -0.02 -23.21 -8.58
N TRP C 16 -0.13 -21.90 -8.77
CA TRP C 16 1.08 -21.10 -9.02
C TRP C 16 1.95 -21.11 -7.77
N LEU C 17 1.35 -20.82 -6.62
CA LEU C 17 2.07 -20.75 -5.35
C LEU C 17 2.84 -22.04 -5.05
N PHE C 18 2.14 -23.18 -5.06
CA PHE C 18 2.79 -24.42 -4.69
C PHE C 18 3.82 -24.88 -5.72
N GLN C 19 3.78 -24.28 -6.91
CA GLN C 19 4.76 -24.57 -7.96
C GLN C 19 5.97 -23.61 -7.90
N HIS C 20 5.91 -22.64 -6.99
CA HIS C 20 6.99 -21.67 -6.81
C HIS C 20 7.32 -21.42 -5.32
N LEU C 21 7.27 -22.47 -4.51
CA LEU C 21 7.42 -22.30 -3.06
C LEU C 21 8.76 -21.71 -2.64
N THR C 22 9.81 -21.98 -3.42
CA THR C 22 11.14 -21.48 -3.10
C THR C 22 11.26 -19.98 -3.34
N HIS C 23 10.52 -19.47 -4.31
CA HIS C 23 10.45 -18.03 -4.56
C HIS C 23 9.02 -17.62 -4.91
N PRO C 24 8.15 -17.55 -3.90
CA PRO C 24 6.72 -17.31 -4.09
C PRO C 24 6.39 -15.83 -4.32
N TYR C 25 7.11 -15.22 -5.25
CA TYR C 25 6.94 -13.80 -5.59
C TYR C 25 6.77 -13.64 -7.09
N PRO C 26 5.52 -13.66 -7.57
CA PRO C 26 5.31 -13.52 -9.01
C PRO C 26 5.81 -12.19 -9.56
N SER C 27 6.32 -12.23 -10.79
CA SER C 27 6.69 -11.02 -11.51
C SER C 27 5.45 -10.22 -11.84
N GLU C 28 5.61 -8.96 -12.24
CA GLU C 28 4.45 -8.16 -12.60
C GLU C 28 3.71 -8.81 -13.78
N GLU C 29 4.47 -9.41 -14.70
CA GLU C 29 3.84 -10.08 -15.84
C GLU C 29 3.06 -11.31 -15.37
N GLN C 30 3.63 -12.05 -14.42
CA GLN C 30 2.95 -13.21 -13.86
C GLN C 30 1.68 -12.80 -13.11
N LYS C 31 1.75 -11.71 -12.36
CA LYS C 31 0.56 -11.19 -11.68
C LYS C 31 -0.53 -10.83 -12.66
N LYS C 32 -0.14 -10.22 -13.77
CA LYS C 32 -1.06 -9.83 -14.84
C LYS C 32 -1.80 -11.07 -15.37
N GLN C 33 -1.03 -12.10 -15.69
CA GLN C 33 -1.61 -13.34 -16.21
C GLN C 33 -2.56 -13.96 -15.20
N LEU C 34 -2.14 -14.02 -13.94
CA LEU C 34 -2.94 -14.62 -12.88
C LEU C 34 -4.24 -13.85 -12.68
N ALA C 35 -4.15 -12.52 -12.69
CA ALA C 35 -5.32 -11.68 -12.54
C ALA C 35 -6.34 -11.95 -13.64
N GLN C 36 -5.86 -11.99 -14.87
CA GLN C 36 -6.74 -12.17 -16.02
C GLN C 36 -7.36 -13.56 -16.02
N ASP C 37 -6.55 -14.56 -15.74
CA ASP C 37 -7.02 -15.95 -15.74
C ASP C 37 -8.02 -16.23 -14.61
N THR C 38 -7.86 -15.54 -13.48
CA THR C 38 -8.71 -15.77 -12.31
C THR C 38 -9.95 -14.88 -12.29
N GLY C 39 -9.89 -13.74 -12.97
CA GLY C 39 -10.97 -12.75 -12.89
C GLY C 39 -10.80 -11.84 -11.70
N LEU C 40 -9.58 -11.80 -11.17
CA LEU C 40 -9.23 -10.93 -10.05
C LEU C 40 -8.59 -9.65 -10.55
N THR C 41 -8.58 -8.64 -9.68
CA THR C 41 -7.84 -7.42 -9.91
C THR C 41 -6.38 -7.63 -9.49
N ILE C 42 -5.50 -6.74 -9.94
CA ILE C 42 -4.10 -6.79 -9.55
C ILE C 42 -3.99 -6.65 -8.04
N LEU C 43 -4.79 -5.77 -7.45
CA LEU C 43 -4.79 -5.60 -6.00
C LEU C 43 -5.15 -6.89 -5.29
N GLN C 44 -6.19 -7.57 -5.76
CA GLN C 44 -6.61 -8.84 -5.16
C GLN C 44 -5.49 -9.88 -5.25
N VAL C 45 -4.81 -9.92 -6.39
CA VAL C 45 -3.72 -10.86 -6.58
C VAL C 45 -2.58 -10.54 -5.60
N ASN C 46 -2.23 -9.26 -5.50
CA ASN C 46 -1.18 -8.84 -4.58
C ASN C 46 -1.51 -9.18 -3.13
N ASN C 47 -2.73 -8.86 -2.70
CA ASN C 47 -3.12 -9.15 -1.33
C ASN C 47 -3.15 -10.65 -1.07
N TRP C 48 -3.55 -11.42 -2.08
CA TRP C 48 -3.64 -12.87 -1.92
C TRP C 48 -2.27 -13.47 -1.66
N PHE C 49 -1.26 -13.02 -2.40
CA PHE C 49 0.08 -13.56 -2.21
C PHE C 49 0.70 -13.08 -0.90
N ILE C 50 0.40 -11.86 -0.48
CA ILE C 50 0.84 -11.42 0.83
C ILE C 50 0.26 -12.33 1.92
N ASN C 51 -1.03 -12.63 1.84
CA ASN C 51 -1.66 -13.50 2.82
C ASN C 51 -1.14 -14.94 2.73
N ALA C 52 -0.94 -15.41 1.50
CA ALA C 52 -0.53 -16.80 1.28
C ALA C 52 0.88 -17.05 1.80
N ARG C 53 1.76 -16.06 1.62
CA ARG C 53 3.14 -16.24 2.06
C ARG C 53 3.21 -16.41 3.58
N ARG C 54 2.38 -15.67 4.32
CA ARG C 54 2.43 -15.79 5.78
C ARG C 54 1.50 -16.87 6.33
N ARG C 55 0.51 -17.31 5.56
CA ARG C 55 -0.43 -18.33 6.03
C ARG C 55 -0.17 -19.73 5.47
N ILE C 56 0.54 -19.83 4.35
CA ILE C 56 0.88 -21.14 3.76
C ILE C 56 2.38 -21.35 3.76
N VAL C 57 3.11 -20.46 3.10
CA VAL C 57 4.52 -20.71 2.80
C VAL C 57 5.37 -20.74 4.07
N GLN C 58 5.23 -19.74 4.92
CA GLN C 58 6.07 -19.67 6.12
C GLN C 58 5.77 -20.81 7.10
N PRO C 59 4.49 -21.07 7.38
CA PRO C 59 4.14 -22.18 8.27
C PRO C 59 4.68 -23.53 7.79
N MET C 60 4.85 -23.69 6.48
CA MET C 60 5.37 -24.95 5.96
C MET C 60 6.83 -25.14 6.32
N ILE C 61 7.52 -24.04 6.60
CA ILE C 61 8.93 -24.08 6.95
C ILE C 61 9.09 -24.20 8.48
N ASP C 62 8.16 -23.60 9.21
CA ASP C 62 8.21 -23.64 10.66
C ASP C 62 7.83 -25.02 11.17
N SER D 1 5.78 7.23 -13.11
CA SER D 1 6.76 8.34 -12.99
C SER D 1 6.25 9.61 -13.68
N MET D 2 5.07 9.53 -14.29
CA MET D 2 4.43 10.71 -14.87
C MET D 2 3.73 11.54 -13.79
N GLY D 3 4.07 11.28 -12.53
CA GLY D 3 3.51 12.03 -11.41
C GLY D 3 4.27 13.31 -11.14
N ILE D 4 3.60 14.24 -10.47
CA ILE D 4 4.20 15.50 -10.06
C ILE D 4 3.94 15.75 -8.59
N PHE D 5 4.81 16.53 -7.96
CA PHE D 5 4.61 16.98 -6.59
C PHE D 5 4.50 18.49 -6.63
N PRO D 6 3.26 19.03 -6.59
CA PRO D 6 3.09 20.48 -6.74
C PRO D 6 3.86 21.29 -5.70
N LYS D 7 4.37 22.45 -6.13
CA LYS D 7 5.21 23.27 -5.26
C LYS D 7 4.49 23.67 -3.97
N VAL D 8 3.20 23.96 -4.07
CA VAL D 8 2.43 24.42 -2.91
C VAL D 8 2.18 23.30 -1.90
N ALA D 9 2.35 22.06 -2.32
CA ALA D 9 1.93 20.92 -1.51
C ALA D 9 2.68 20.80 -0.19
N THR D 10 4.00 20.92 -0.22
CA THR D 10 4.82 20.62 0.95
C THR D 10 4.38 21.41 2.18
N ASN D 11 4.22 22.73 2.04
CA ASN D 11 3.89 23.53 3.21
C ASN D 11 2.45 23.38 3.67
N ILE D 12 1.54 23.00 2.77
CA ILE D 12 0.17 22.70 3.17
C ILE D 12 0.15 21.42 4.02
N MET D 13 0.91 20.42 3.59
CA MET D 13 0.99 19.16 4.32
C MET D 13 1.69 19.33 5.66
N ARG D 14 2.78 20.08 5.66
CA ARG D 14 3.48 20.37 6.90
C ARG D 14 2.59 21.11 7.88
N ALA D 15 1.83 22.08 7.38
CA ALA D 15 0.93 22.85 8.24
C ALA D 15 -0.04 21.91 8.93
N TRP D 16 -0.63 20.99 8.18
CA TRP D 16 -1.57 20.04 8.78
C TRP D 16 -0.85 19.18 9.83
N LEU D 17 0.29 18.63 9.46
CA LEU D 17 1.03 17.72 10.33
C LEU D 17 1.37 18.37 11.67
N PHE D 18 1.98 19.55 11.62
CA PHE D 18 2.45 20.19 12.83
C PHE D 18 1.31 20.77 13.67
N GLN D 19 0.12 20.89 13.08
CA GLN D 19 -1.08 21.30 13.81
C GLN D 19 -1.87 20.10 14.35
N HIS D 20 -1.38 18.89 14.08
CA HIS D 20 -2.01 17.66 14.56
C HIS D 20 -0.98 16.66 15.06
N LEU D 21 0.04 17.12 15.79
CA LEU D 21 1.12 16.24 16.22
C LEU D 21 0.67 15.16 17.21
N THR D 22 -0.37 15.44 17.97
CA THR D 22 -0.84 14.50 18.98
C THR D 22 -1.59 13.33 18.35
N HIS D 23 -2.04 13.51 17.11
CA HIS D 23 -2.66 12.44 16.35
C HIS D 23 -2.49 12.71 14.86
N PRO D 24 -1.29 12.46 14.33
CA PRO D 24 -0.96 12.82 12.95
C PRO D 24 -1.53 11.84 11.93
N TYR D 25 -2.81 11.53 12.08
CA TYR D 25 -3.51 10.58 11.22
C TYR D 25 -4.77 11.23 10.66
N PRO D 26 -4.67 11.84 9.47
CA PRO D 26 -5.87 12.48 8.92
C PRO D 26 -7.00 11.49 8.65
N SER D 27 -8.23 11.91 8.89
CA SER D 27 -9.40 11.14 8.50
C SER D 27 -9.46 11.07 6.97
N GLU D 28 -10.33 10.21 6.45
CA GLU D 28 -10.45 10.11 5.00
C GLU D 28 -10.97 11.42 4.41
N GLU D 29 -11.84 12.11 5.15
CA GLU D 29 -12.34 13.40 4.71
C GLU D 29 -11.22 14.43 4.69
N GLN D 30 -10.39 14.44 5.73
CA GLN D 30 -9.25 15.35 5.79
C GLN D 30 -8.26 15.04 4.66
N LYS D 31 -8.06 13.76 4.37
CA LYS D 31 -7.16 13.35 3.29
C LYS D 31 -7.61 13.89 1.92
N LYS D 32 -8.90 13.79 1.61
CA LYS D 32 -9.35 14.26 0.31
C LYS D 32 -9.37 15.79 0.27
N GLN D 33 -9.57 16.43 1.42
CA GLN D 33 -9.45 17.87 1.52
C GLN D 33 -8.02 18.31 1.21
N LEU D 34 -7.06 17.63 1.82
CA LEU D 34 -5.65 17.92 1.56
C LEU D 34 -5.28 17.65 0.10
N ALA D 35 -5.82 16.58 -0.46
CA ALA D 35 -5.57 16.27 -1.87
C ALA D 35 -6.06 17.40 -2.77
N GLN D 36 -7.26 17.91 -2.49
CA GLN D 36 -7.82 19.03 -3.24
C GLN D 36 -6.95 20.27 -3.10
N ASP D 37 -6.56 20.58 -1.88
CA ASP D 37 -5.82 21.82 -1.58
C ASP D 37 -4.40 21.81 -2.15
N THR D 38 -3.79 20.62 -2.25
CA THR D 38 -2.40 20.49 -2.68
C THR D 38 -2.24 20.12 -4.14
N GLY D 39 -3.24 19.45 -4.71
CA GLY D 39 -3.10 18.92 -6.05
C GLY D 39 -2.38 17.58 -6.05
N LEU D 40 -2.24 16.98 -4.87
CA LEU D 40 -1.73 15.62 -4.74
C LEU D 40 -2.85 14.60 -4.88
N THR D 41 -2.49 13.38 -5.25
CA THR D 41 -3.44 12.27 -5.23
C THR D 41 -3.63 11.79 -3.79
N ILE D 42 -4.70 11.04 -3.55
CA ILE D 42 -4.91 10.41 -2.26
C ILE D 42 -3.71 9.51 -1.92
N LEU D 43 -3.19 8.80 -2.91
CA LEU D 43 -2.05 7.92 -2.69
C LEU D 43 -0.83 8.73 -2.23
N GLN D 44 -0.58 9.85 -2.88
CA GLN D 44 0.53 10.72 -2.50
C GLN D 44 0.36 11.25 -1.08
N VAL D 45 -0.86 11.66 -0.74
CA VAL D 45 -1.17 12.12 0.60
C VAL D 45 -0.88 11.00 1.61
N ASN D 46 -1.35 9.80 1.33
CA ASN D 46 -1.14 8.68 2.22
C ASN D 46 0.34 8.37 2.41
N ASN D 47 1.10 8.35 1.32
CA ASN D 47 2.52 8.07 1.38
C ASN D 47 3.26 9.17 2.11
N TRP D 48 2.82 10.41 1.91
CA TRP D 48 3.47 11.55 2.55
C TRP D 48 3.38 11.42 4.07
N PHE D 49 2.21 11.09 4.58
CA PHE D 49 2.03 10.98 6.02
C PHE D 49 2.74 9.77 6.60
N ILE D 50 2.81 8.67 5.86
CA ILE D 50 3.59 7.52 6.30
C ILE D 50 5.06 7.94 6.49
N ASN D 51 5.60 8.67 5.53
CA ASN D 51 6.99 9.12 5.61
C ASN D 51 7.19 10.16 6.70
N ALA D 52 6.23 11.08 6.85
CA ALA D 52 6.37 12.15 7.84
C ALA D 52 6.29 11.61 9.27
N ARG D 53 5.44 10.61 9.48
CA ARG D 53 5.34 10.02 10.81
C ARG D 53 6.66 9.43 11.31
N ARG D 54 7.40 8.79 10.42
CA ARG D 54 8.64 8.16 10.83
C ARG D 54 9.86 9.07 10.67
N ARG D 55 9.75 10.11 9.85
CA ARG D 55 10.87 11.01 9.61
C ARG D 55 10.78 12.34 10.37
N ILE D 56 9.57 12.74 10.75
CA ILE D 56 9.37 13.97 11.50
C ILE D 56 8.82 13.69 12.91
N VAL D 57 7.64 13.09 12.98
CA VAL D 57 6.93 12.94 14.25
C VAL D 57 7.70 12.09 15.26
N GLN D 58 8.11 10.89 14.84
CA GLN D 58 8.76 9.98 15.76
C GLN D 58 10.09 10.53 16.28
N PRO D 59 10.94 11.03 15.36
CA PRO D 59 12.22 11.63 15.79
C PRO D 59 12.05 12.75 16.80
N MET D 60 10.99 13.55 16.67
CA MET D 60 10.73 14.62 17.62
C MET D 60 10.43 14.04 19.00
N ILE D 61 9.73 12.91 19.02
CA ILE D 61 9.39 12.24 20.27
C ILE D 61 10.62 11.57 20.89
N ASP D 62 11.51 11.07 20.03
CA ASP D 62 12.72 10.40 20.49
C ASP D 62 13.60 11.35 21.31
N GLN D 63 13.60 12.63 20.91
CA GLN D 63 14.35 13.65 21.63
C GLN D 63 13.56 14.17 22.82
N SER D 64 12.25 13.95 22.80
CA SER D 64 11.38 14.41 23.87
C SER D 64 11.71 13.71 25.17
#